data_8CQA
#
_entry.id   8CQA
#
_cell.length_a   61.349
_cell.length_b   72.058
_cell.length_c   72.248
_cell.angle_alpha   90.00
_cell.angle_beta   90.00
_cell.angle_gamma   90.00
#
_symmetry.space_group_name_H-M   'P 21 21 21'
#
loop_
_entity.id
_entity.type
_entity.pdbx_description
1 polymer 'Dihydrofolate reductase'
2 non-polymer ~{N}-[4-[2,6-bis(azanyl)-5-(2-cyclopropylethyl)pyrimidin-4-yl]phenyl]ethanamide
3 non-polymer 'NADPH DIHYDRO-NICOTINAMIDE-ADENINE-DINUCLEOTIDE PHOSPHATE'
4 non-polymer 'COBALT (II) ION'
5 non-polymer 'SULFATE ION'
6 non-polymer '2-(N-MORPHOLINO)-ETHANESULFONIC ACID'
7 water water
#
_entity_poly.entity_id   1
_entity_poly.type   'polypeptide(L)'
_entity_poly.pdbx_seq_one_letter_code
;MVGLIWAQATSGVIGRGGDIPWRLPEDQAHFREITMGHTIVMGRRTWDSLPAKVRPLPGRRNVVLSRQADFMASGAEVVG
SLEEALTSPETWVIGGGQVYALALPYATRCEVTEVDIGLPREAGDALAPVLDETWRGETGEWRFSRSGLRYRLYSYHRS
;
_entity_poly.pdbx_strand_id   A,B
#
# COMPACT_ATOMS: atom_id res chain seq x y z
N MET A 1 -3.59 11.34 -7.11
CA MET A 1 -3.05 9.99 -7.00
C MET A 1 -4.20 8.97 -7.25
N VAL A 2 -3.89 7.69 -7.48
CA VAL A 2 -4.92 6.68 -7.73
C VAL A 2 -4.50 5.33 -7.19
N GLY A 3 -5.42 4.65 -6.53
CA GLY A 3 -5.33 3.22 -6.36
C GLY A 3 -6.54 2.51 -6.95
N LEU A 4 -6.37 1.26 -7.35
CA LEU A 4 -7.45 0.48 -7.95
C LEU A 4 -7.71 -0.73 -7.09
N ILE A 5 -8.94 -0.91 -6.63
CA ILE A 5 -9.25 -2.07 -5.83
C ILE A 5 -10.45 -2.77 -6.42
N TRP A 6 -10.40 -4.09 -6.47
CA TRP A 6 -11.44 -4.85 -7.11
C TRP A 6 -11.34 -6.28 -6.64
N ALA A 7 -12.46 -6.98 -6.69
CA ALA A 7 -12.55 -8.41 -6.41
C ALA A 7 -12.91 -9.11 -7.70
N GLN A 8 -12.09 -10.07 -8.09
CA GLN A 8 -12.30 -10.74 -9.35
C GLN A 8 -12.35 -12.23 -9.14
N ALA A 9 -13.18 -12.89 -9.93
CA ALA A 9 -13.02 -14.32 -10.08
C ALA A 9 -11.71 -14.57 -10.79
N THR A 10 -11.29 -15.82 -10.79
CA THR A 10 -10.10 -16.16 -11.53
C THR A 10 -10.21 -15.72 -12.98
N SER A 11 -11.37 -15.94 -13.59
CA SER A 11 -11.53 -15.63 -15.00
C SER A 11 -11.36 -14.15 -15.31
N GLY A 12 -11.53 -13.27 -14.33
CA GLY A 12 -11.38 -11.85 -14.57
C GLY A 12 -12.62 -11.06 -14.32
N VAL A 13 -13.74 -11.73 -14.06
CA VAL A 13 -15.01 -11.06 -13.96
C VAL A 13 -15.06 -10.30 -12.64
N ILE A 14 -15.41 -9.01 -12.71
CA ILE A 14 -15.70 -8.21 -11.53
C ILE A 14 -17.20 -7.90 -11.34
N GLY A 15 -18.02 -7.93 -12.37
CA GLY A 15 -19.45 -7.71 -12.23
C GLY A 15 -20.20 -8.48 -13.30
N ARG A 16 -21.48 -8.71 -13.04
CA ARG A 16 -22.34 -9.44 -13.96
C ARG A 16 -23.76 -9.03 -13.66
N GLY A 17 -24.47 -8.53 -14.67
CA GLY A 17 -25.85 -8.16 -14.45
C GLY A 17 -26.01 -7.05 -13.45
N GLY A 18 -24.99 -6.21 -13.28
CA GLY A 18 -25.12 -5.12 -12.34
C GLY A 18 -24.94 -5.50 -10.90
N ASP A 19 -24.58 -6.75 -10.61
CA ASP A 19 -24.21 -7.13 -9.27
C ASP A 19 -22.91 -7.90 -9.35
N ILE A 20 -22.66 -8.70 -8.33
CA ILE A 20 -21.43 -9.47 -8.17
C ILE A 20 -21.89 -10.89 -7.91
N PRO A 21 -21.41 -11.86 -8.67
CA PRO A 21 -21.77 -13.27 -8.48
C PRO A 21 -21.26 -13.97 -7.22
N TRP A 22 -20.94 -13.22 -6.17
CA TRP A 22 -20.46 -13.84 -4.94
C TRP A 22 -20.71 -12.88 -3.80
N ARG A 23 -20.59 -13.40 -2.58
CA ARG A 23 -20.40 -12.46 -1.47
C ARG A 23 -19.44 -13.06 -0.46
N LEU A 24 -18.52 -12.21 0.02
CA LEU A 24 -17.37 -12.66 0.79
C LEU A 24 -17.11 -11.65 1.90
N PRO A 25 -17.47 -11.98 3.15
CA PRO A 25 -17.26 -11.01 4.25
C PRO A 25 -15.80 -10.78 4.55
N GLU A 26 -14.94 -11.69 4.13
CA GLU A 26 -13.53 -11.43 4.17
C GLU A 26 -13.16 -10.30 3.23
N ASP A 27 -13.72 -10.30 2.02
CA ASP A 27 -13.42 -9.20 1.12
C ASP A 27 -14.02 -7.90 1.59
N GLN A 28 -15.14 -7.95 2.30
CA GLN A 28 -15.84 -6.73 2.69
C GLN A 28 -15.05 -5.93 3.71
N ALA A 29 -14.40 -6.58 4.65
CA ALA A 29 -13.64 -5.84 5.66
C ALA A 29 -12.32 -5.34 5.09
N HIS A 30 -11.65 -6.17 4.32
CA HIS A 30 -10.53 -5.74 3.49
C HIS A 30 -10.83 -4.46 2.72
N PHE A 31 -11.97 -4.41 2.03
CA PHE A 31 -12.34 -3.23 1.25
C PHE A 31 -12.61 -2.02 2.14
N ARG A 32 -13.29 -2.24 3.27
CA ARG A 32 -13.55 -1.15 4.21
C ARG A 32 -12.26 -0.63 4.80
N GLU A 33 -11.36 -1.53 5.18
CA GLU A 33 -10.12 -1.09 5.79
C GLU A 33 -9.39 -0.12 4.87
N ILE A 34 -9.13 -0.55 3.65
CA ILE A 34 -8.28 0.19 2.73
C ILE A 34 -8.90 1.51 2.29
N THR A 35 -10.21 1.58 2.18
CA THR A 35 -10.84 2.76 1.63
C THR A 35 -11.38 3.70 2.68
N MET A 36 -11.59 3.23 3.90
CA MET A 36 -12.19 4.07 4.92
C MET A 36 -11.41 5.36 5.06
N GLY A 37 -12.14 6.47 5.10
CA GLY A 37 -11.53 7.74 5.28
C GLY A 37 -10.96 8.35 4.03
N HIS A 38 -10.58 7.54 3.04
CA HIS A 38 -10.00 8.04 1.80
C HIS A 38 -11.09 8.36 0.78
N THR A 39 -10.69 8.93 -0.37
CA THR A 39 -11.63 9.18 -1.46
C THR A 39 -11.92 7.91 -2.26
N ILE A 40 -13.19 7.62 -2.46
CA ILE A 40 -13.65 6.54 -3.32
C ILE A 40 -14.29 7.14 -4.56
N VAL A 41 -13.82 6.68 -5.73
CA VAL A 41 -14.41 7.03 -7.02
C VAL A 41 -15.04 5.79 -7.62
N MET A 42 -16.25 5.95 -8.10
CA MET A 42 -16.95 4.87 -8.78
C MET A 42 -17.65 5.43 -10.00
N GLY A 43 -17.76 4.61 -11.02
CA GLY A 43 -18.62 4.95 -12.13
C GLY A 43 -20.06 5.08 -11.68
N ARG A 44 -20.89 5.57 -12.60
CA ARG A 44 -22.28 5.80 -12.25
C ARG A 44 -23.01 4.48 -12.06
N ARG A 45 -22.71 3.49 -12.89
CA ARG A 45 -23.41 2.22 -12.80
C ARG A 45 -23.10 1.53 -11.49
N THR A 46 -21.83 1.50 -11.09
CA THR A 46 -21.47 1.05 -9.75
C THR A 46 -22.31 1.73 -8.69
N TRP A 47 -22.53 3.04 -8.82
CA TRP A 47 -23.32 3.77 -7.82
C TRP A 47 -24.75 3.25 -7.75
N ASP A 48 -25.36 2.99 -8.92
CA ASP A 48 -26.68 2.35 -8.94
C ASP A 48 -26.65 1.02 -8.21
N SER A 49 -25.56 0.27 -8.36
CA SER A 49 -25.42 -1.02 -7.70
C SER A 49 -25.37 -0.87 -6.19
N LEU A 50 -25.18 0.34 -5.71
CA LEU A 50 -25.27 0.57 -4.30
C LEU A 50 -26.72 0.84 -3.97
N PRO A 51 -27.37 0.02 -3.17
CA PRO A 51 -28.72 0.37 -2.74
C PRO A 51 -28.64 1.73 -2.10
N ALA A 52 -29.72 2.46 -2.19
CA ALA A 52 -29.75 3.86 -1.75
C ALA A 52 -29.62 3.80 -0.25
N LYS A 53 -29.56 2.58 0.25
CA LYS A 53 -29.72 2.35 1.66
C LYS A 53 -28.35 2.15 2.32
N VAL A 54 -27.26 1.92 1.54
CA VAL A 54 -25.88 1.89 1.99
C VAL A 54 -25.02 2.99 1.36
N ARG A 55 -25.65 3.89 0.56
CA ARG A 55 -25.16 5.06 -0.17
C ARG A 55 -25.32 6.30 0.66
N PRO A 56 -24.27 7.07 0.89
CA PRO A 56 -22.93 6.68 0.48
C PRO A 56 -22.29 5.75 1.46
N LEU A 57 -21.18 5.23 1.02
CA LEU A 57 -20.37 4.46 1.91
C LEU A 57 -19.87 5.39 3.01
N PRO A 58 -19.90 4.95 4.25
CA PRO A 58 -19.65 5.85 5.38
C PRO A 58 -18.17 6.10 5.62
N GLY A 59 -17.85 7.35 5.92
CA GLY A 59 -16.52 7.75 6.32
C GLY A 59 -15.59 8.12 5.20
N ARG A 60 -16.06 8.14 3.95
CA ARG A 60 -15.22 8.33 2.78
C ARG A 60 -15.77 9.47 1.93
N ARG A 61 -14.93 10.00 1.04
CA ARG A 61 -15.38 10.98 0.06
C ARG A 61 -15.88 10.24 -1.17
N ASN A 62 -17.19 10.09 -1.26
CA ASN A 62 -17.84 9.37 -2.35
C ASN A 62 -17.86 10.25 -3.60
N VAL A 63 -17.28 9.77 -4.69
CA VAL A 63 -17.30 10.47 -5.97
C VAL A 63 -17.85 9.54 -7.04
N VAL A 64 -18.89 9.98 -7.73
CA VAL A 64 -19.49 9.21 -8.81
C VAL A 64 -19.06 9.82 -10.12
N LEU A 65 -18.52 8.99 -10.99
CA LEU A 65 -17.90 9.46 -12.23
C LEU A 65 -18.99 9.39 -13.29
N SER A 66 -19.40 10.54 -13.79
CA SER A 66 -20.42 10.64 -14.83
C SER A 66 -19.97 11.75 -15.77
N ARG A 67 -20.72 11.97 -16.86
CA ARG A 67 -20.27 12.91 -17.88
C ARG A 67 -21.07 14.21 -17.93
N GLN A 68 -22.22 14.31 -17.28
CA GLN A 68 -23.11 15.42 -17.47
C GLN A 68 -23.37 16.17 -16.18
N ALA A 69 -23.68 17.46 -16.33
CA ALA A 69 -24.19 18.23 -15.24
C ALA A 69 -25.59 17.80 -14.81
N ASP A 70 -26.23 16.90 -15.56
CA ASP A 70 -27.61 16.54 -15.24
C ASP A 70 -27.75 15.28 -14.38
N PHE A 71 -26.67 14.71 -13.87
CA PHE A 71 -26.84 13.61 -12.95
C PHE A 71 -26.50 14.02 -11.53
N MET A 72 -27.38 13.67 -10.62
CA MET A 72 -27.15 13.82 -9.20
C MET A 72 -26.95 12.45 -8.57
N ALA A 73 -25.76 12.25 -8.02
CA ALA A 73 -25.54 11.22 -7.03
C ALA A 73 -25.83 11.86 -5.69
N SER A 74 -26.90 11.43 -5.04
CA SER A 74 -27.41 12.12 -3.87
C SER A 74 -26.70 11.58 -2.64
N GLY A 75 -25.97 12.46 -1.96
CA GLY A 75 -25.04 12.07 -0.95
C GLY A 75 -23.61 11.93 -1.43
N ALA A 76 -23.27 12.49 -2.59
CA ALA A 76 -21.97 12.23 -3.22
C ALA A 76 -21.62 13.39 -4.12
N GLU A 77 -20.57 13.23 -4.91
CA GLU A 77 -20.10 14.25 -5.82
C GLU A 77 -20.10 13.65 -7.21
N VAL A 78 -20.53 14.45 -8.17
CA VAL A 78 -20.70 14.01 -9.54
C VAL A 78 -19.73 14.82 -10.40
N VAL A 79 -18.69 14.18 -10.92
CA VAL A 79 -17.61 14.86 -11.62
C VAL A 79 -17.54 14.33 -13.05
N GLY A 80 -17.47 15.25 -14.00
CA GLY A 80 -17.39 14.86 -15.39
C GLY A 80 -16.06 14.27 -15.78
N SER A 81 -15.00 14.65 -15.08
CA SER A 81 -13.67 14.13 -15.36
C SER A 81 -13.18 13.31 -14.18
N LEU A 82 -12.28 12.38 -14.47
CA LEU A 82 -11.63 11.67 -13.38
C LEU A 82 -10.89 12.66 -12.50
N GLU A 83 -10.22 13.63 -13.11
CA GLU A 83 -9.32 14.50 -12.39
C GLU A 83 -10.04 15.36 -11.37
N GLU A 84 -11.32 15.65 -11.58
CA GLU A 84 -12.03 16.44 -10.58
C GLU A 84 -12.13 15.72 -9.24
N ALA A 85 -12.04 14.41 -9.25
CA ALA A 85 -12.11 13.68 -7.99
C ALA A 85 -10.76 13.64 -7.27
N LEU A 86 -9.67 13.68 -8.01
CA LEU A 86 -8.38 13.42 -7.40
C LEU A 86 -7.88 14.59 -6.57
N THR A 87 -8.80 15.37 -5.97
CA THR A 87 -8.39 16.55 -5.21
C THR A 87 -7.84 16.16 -3.85
N SER A 88 -8.18 14.98 -3.36
CA SER A 88 -7.71 14.54 -2.07
C SER A 88 -6.36 13.84 -2.22
N PRO A 89 -5.74 13.45 -1.13
CA PRO A 89 -4.43 12.80 -1.21
C PRO A 89 -4.43 11.32 -1.55
N GLU A 90 -5.29 10.48 -0.96
CA GLU A 90 -5.49 9.11 -1.43
C GLU A 90 -6.85 8.97 -2.08
N THR A 91 -6.87 8.41 -3.29
CA THR A 91 -8.10 8.24 -4.04
C THR A 91 -8.18 6.79 -4.47
N TRP A 92 -9.30 6.13 -4.19
CA TRP A 92 -9.44 4.70 -4.45
C TRP A 92 -10.49 4.44 -5.52
N VAL A 93 -10.05 3.85 -6.63
CA VAL A 93 -10.91 3.60 -7.79
C VAL A 93 -11.64 2.28 -7.55
N ILE A 94 -12.91 2.36 -7.14
CA ILE A 94 -13.61 1.21 -6.65
C ILE A 94 -14.60 0.64 -7.65
N GLY A 95 -14.48 1.01 -8.91
CA GLY A 95 -15.17 0.31 -9.98
C GLY A 95 -16.28 1.13 -10.61
N GLY A 96 -16.93 0.49 -11.58
CA GLY A 96 -16.50 -0.81 -12.06
C GLY A 96 -15.51 -0.81 -13.21
N GLY A 97 -15.63 -1.80 -14.09
CA GLY A 97 -14.56 -2.11 -15.02
C GLY A 97 -14.09 -0.95 -15.87
N GLN A 98 -14.97 0.01 -16.14
CA GLN A 98 -14.58 1.15 -16.96
C GLN A 98 -13.58 2.02 -16.24
N VAL A 99 -14.03 2.58 -15.11
CA VAL A 99 -13.21 3.51 -14.37
C VAL A 99 -11.85 2.91 -14.16
N TYR A 100 -11.80 1.59 -13.95
CA TYR A 100 -10.55 0.89 -13.78
C TYR A 100 -9.64 1.13 -14.96
N ALA A 101 -10.06 0.67 -16.12
CA ALA A 101 -9.24 0.92 -17.30
C ALA A 101 -9.07 2.41 -17.52
N LEU A 102 -10.08 3.20 -17.20
CA LEU A 102 -9.91 4.64 -17.28
C LEU A 102 -8.89 5.15 -16.26
N ALA A 103 -8.92 4.63 -15.04
CA ALA A 103 -7.96 5.11 -14.05
C ALA A 103 -6.63 4.38 -14.09
N LEU A 104 -6.53 3.26 -14.78
CA LEU A 104 -5.27 2.52 -14.78
C LEU A 104 -4.06 3.34 -15.20
N PRO A 105 -4.23 4.44 -15.96
CA PRO A 105 -3.04 5.25 -16.26
C PRO A 105 -2.51 5.98 -15.04
N TYR A 106 -3.39 6.41 -14.15
CA TYR A 106 -3.03 7.26 -13.04
C TYR A 106 -2.60 6.43 -11.84
N ALA A 107 -2.53 5.12 -12.01
CA ALA A 107 -2.57 4.20 -10.89
C ALA A 107 -1.18 3.66 -10.61
N THR A 108 -0.83 3.61 -9.33
CA THR A 108 0.34 2.88 -8.85
C THR A 108 0.01 1.59 -8.15
N ARG A 109 -1.20 1.42 -7.65
CA ARG A 109 -1.52 0.27 -6.84
C ARG A 109 -2.80 -0.39 -7.30
N CYS A 110 -2.79 -1.71 -7.30
CA CYS A 110 -3.99 -2.49 -7.53
C CYS A 110 -4.10 -3.45 -6.38
N GLU A 111 -5.12 -3.29 -5.55
CA GLU A 111 -5.43 -4.26 -4.52
C GLU A 111 -6.52 -5.19 -5.05
N VAL A 112 -6.18 -6.45 -5.26
CA VAL A 112 -6.98 -7.38 -6.03
C VAL A 112 -7.28 -8.62 -5.19
N THR A 113 -8.56 -8.88 -4.94
CA THR A 113 -8.96 -10.16 -4.39
C THR A 113 -9.32 -11.07 -5.54
N GLU A 114 -8.73 -12.24 -5.58
CA GLU A 114 -9.03 -13.21 -6.62
C GLU A 114 -9.86 -14.34 -6.03
N VAL A 115 -11.14 -14.37 -6.34
CA VAL A 115 -12.03 -15.38 -5.80
C VAL A 115 -11.89 -16.65 -6.62
N ASP A 116 -11.75 -17.77 -5.93
CA ASP A 116 -11.61 -19.05 -6.60
C ASP A 116 -12.98 -19.57 -6.98
N ILE A 117 -13.50 -19.03 -8.07
CA ILE A 117 -14.81 -19.43 -8.61
C ILE A 117 -14.67 -19.61 -10.11
N GLY A 118 -15.23 -20.72 -10.61
CA GLY A 118 -15.15 -21.06 -12.01
C GLY A 118 -16.24 -20.38 -12.80
N LEU A 119 -15.91 -19.21 -13.32
CA LEU A 119 -16.92 -18.31 -13.87
C LEU A 119 -16.54 -18.03 -15.31
N PRO A 120 -17.11 -18.75 -16.28
CA PRO A 120 -16.76 -18.49 -17.66
C PRO A 120 -17.10 -17.05 -18.02
N ARG A 121 -16.27 -16.49 -18.88
CA ARG A 121 -16.41 -15.11 -19.32
C ARG A 121 -17.64 -14.99 -20.21
N GLU A 122 -18.72 -14.44 -19.68
CA GLU A 122 -19.94 -14.21 -20.44
C GLU A 122 -19.90 -12.83 -21.07
N ALA A 123 -20.64 -12.67 -22.18
CA ALA A 123 -20.72 -11.37 -22.83
C ALA A 123 -21.38 -10.36 -21.91
N GLY A 124 -20.96 -9.12 -22.02
CA GLY A 124 -21.47 -8.10 -21.13
C GLY A 124 -20.89 -8.09 -19.73
N ASP A 125 -20.11 -9.10 -19.35
CA ASP A 125 -19.42 -9.08 -18.07
C ASP A 125 -18.56 -7.83 -17.94
N ALA A 126 -18.60 -7.19 -16.78
CA ALA A 126 -17.57 -6.21 -16.40
C ALA A 126 -16.33 -6.95 -15.94
N LEU A 127 -15.16 -6.47 -16.35
CA LEU A 127 -13.90 -7.19 -16.21
C LEU A 127 -12.82 -6.40 -15.48
N ALA A 128 -11.94 -7.11 -14.80
CA ALA A 128 -10.84 -6.53 -14.05
C ALA A 128 -9.77 -6.01 -15.00
N PRO A 129 -9.00 -4.99 -14.61
CA PRO A 129 -8.10 -4.35 -15.56
C PRO A 129 -7.02 -5.28 -16.08
N VAL A 130 -6.41 -4.82 -17.16
CA VAL A 130 -5.37 -5.54 -17.86
C VAL A 130 -4.02 -5.01 -17.37
N LEU A 131 -3.33 -5.79 -16.55
CA LEU A 131 -2.12 -5.31 -15.87
C LEU A 131 -0.88 -5.76 -16.62
N ASP A 132 -0.24 -4.84 -17.32
CA ASP A 132 0.80 -5.23 -18.25
C ASP A 132 2.09 -5.60 -17.51
N GLU A 133 3.18 -5.60 -18.26
CA GLU A 133 4.47 -6.09 -17.84
C GLU A 133 4.94 -5.35 -16.61
N THR A 134 4.61 -4.05 -16.55
CA THR A 134 5.25 -3.17 -15.58
C THR A 134 4.87 -3.54 -14.15
N TRP A 135 3.61 -3.88 -13.92
CA TRP A 135 3.15 -4.08 -12.56
C TRP A 135 3.92 -5.22 -11.89
N ARG A 136 4.18 -5.08 -10.59
CA ARG A 136 4.74 -6.19 -9.85
C ARG A 136 3.93 -6.46 -8.58
N GLY A 137 3.73 -7.74 -8.30
CA GLY A 137 3.20 -8.30 -7.06
C GLY A 137 3.42 -9.80 -7.10
N GLU A 138 3.12 -10.49 -6.00
CA GLU A 138 3.21 -11.94 -6.03
C GLU A 138 1.95 -12.58 -5.46
N THR A 139 1.75 -13.85 -5.88
CA THR A 139 0.59 -14.65 -5.53
C THR A 139 0.48 -14.85 -4.02
N GLY A 140 -0.73 -14.72 -3.49
CA GLY A 140 -0.95 -14.88 -2.08
C GLY A 140 -1.23 -16.30 -1.69
N GLU A 141 -1.39 -16.50 -0.40
CA GLU A 141 -1.81 -17.79 0.13
C GLU A 141 -3.31 -17.93 -0.04
N TRP A 142 -3.72 -19.05 -0.61
CA TRP A 142 -5.13 -19.34 -0.80
C TRP A 142 -5.81 -19.42 0.55
N ARG A 143 -6.59 -18.40 0.89
CA ARG A 143 -7.21 -18.30 2.20
C ARG A 143 -8.67 -18.69 2.15
N PHE A 144 -9.14 -19.26 3.26
CA PHE A 144 -10.48 -19.85 3.35
C PHE A 144 -11.44 -18.78 3.83
N SER A 145 -12.39 -18.44 2.99
CA SER A 145 -13.50 -17.63 3.44
C SER A 145 -14.47 -18.49 4.20
N ARG A 146 -15.19 -17.88 5.15
CA ARG A 146 -16.25 -18.62 5.81
C ARG A 146 -17.30 -19.00 4.78
N SER A 147 -17.49 -18.15 3.79
CA SER A 147 -18.29 -18.38 2.60
C SER A 147 -18.07 -19.75 1.96
N GLY A 148 -16.94 -20.39 2.22
CA GLY A 148 -16.64 -21.65 1.58
C GLY A 148 -15.92 -21.55 0.26
N LEU A 149 -15.57 -20.33 -0.15
CA LEU A 149 -14.76 -20.10 -1.34
C LEU A 149 -13.36 -19.62 -0.97
N ARG A 150 -12.38 -20.31 -1.50
CA ARG A 150 -11.02 -19.83 -1.46
C ARG A 150 -10.91 -18.44 -2.03
N TYR A 151 -10.08 -17.63 -1.39
CA TYR A 151 -9.70 -16.33 -1.90
C TYR A 151 -8.24 -16.11 -1.58
N ARG A 152 -7.67 -15.12 -2.23
CA ARG A 152 -6.31 -14.70 -1.98
C ARG A 152 -6.25 -13.23 -2.32
N LEU A 153 -5.27 -12.55 -1.75
CA LEU A 153 -5.14 -11.10 -1.89
C LEU A 153 -3.89 -10.79 -2.70
N TYR A 154 -3.94 -9.70 -3.47
CA TYR A 154 -2.84 -9.23 -4.29
C TYR A 154 -2.63 -7.74 -4.06
N SER A 155 -1.37 -7.31 -4.10
CA SER A 155 -1.00 -5.89 -4.05
C SER A 155 0.04 -5.61 -5.14
N TYR A 156 -0.18 -4.57 -5.94
CA TYR A 156 0.72 -4.21 -7.03
C TYR A 156 1.21 -2.79 -6.84
N HIS A 157 2.47 -2.55 -7.18
CA HIS A 157 3.08 -1.23 -7.23
C HIS A 157 3.88 -1.12 -8.51
N ARG A 158 3.83 0.04 -9.14
CA ARG A 158 4.63 0.26 -10.32
C ARG A 158 5.29 1.62 -10.22
N SER A 159 6.45 1.72 -10.87
CA SER A 159 7.18 2.98 -11.02
C SER A 159 7.93 2.97 -12.36
N MET B 1 0.69 10.78 3.33
CA MET B 1 0.80 9.39 3.77
C MET B 1 2.14 9.12 4.39
N VAL B 2 2.12 8.55 5.58
CA VAL B 2 3.30 8.27 6.33
C VAL B 2 3.40 6.76 6.44
N GLY B 3 4.37 6.17 5.76
CA GLY B 3 4.65 4.77 5.89
C GLY B 3 5.96 4.59 6.60
N LEU B 4 6.11 3.46 7.26
CA LEU B 4 7.36 3.08 7.89
C LEU B 4 7.78 1.79 7.23
N ILE B 5 9.02 1.72 6.79
CA ILE B 5 9.49 0.56 6.03
C ILE B 5 10.78 0.04 6.65
N TRP B 6 10.84 -1.26 6.88
CA TRP B 6 11.98 -1.82 7.58
C TRP B 6 12.05 -3.31 7.27
N ALA B 7 13.25 -3.87 7.41
CA ALA B 7 13.48 -5.30 7.34
C ALA B 7 14.02 -5.77 8.67
N GLN B 8 13.40 -6.76 9.27
CA GLN B 8 13.74 -7.11 10.62
C GLN B 8 14.07 -8.58 10.74
N ALA B 9 14.83 -8.91 11.78
CA ALA B 9 14.99 -10.30 12.17
C ALA B 9 13.74 -10.81 12.87
N THR B 10 13.56 -12.11 12.85
CA THR B 10 12.45 -12.70 13.56
C THR B 10 12.52 -12.42 15.05
N SER B 11 13.63 -11.91 15.55
CA SER B 11 13.66 -11.44 16.92
C SER B 11 13.27 -9.97 17.06
N GLY B 12 13.18 -9.22 15.97
CA GLY B 12 12.85 -7.81 16.04
C GLY B 12 13.97 -6.91 15.61
N VAL B 13 15.17 -7.47 15.43
CA VAL B 13 16.37 -6.69 15.18
C VAL B 13 16.30 -6.14 13.77
N ILE B 14 16.62 -4.85 13.63
CA ILE B 14 16.74 -4.23 12.32
C ILE B 14 18.15 -3.76 12.00
N GLY B 15 19.02 -3.56 13.00
CA GLY B 15 20.40 -3.22 12.73
C GLY B 15 21.24 -3.38 13.97
N ARG B 16 22.55 -3.45 13.76
CA ARG B 16 23.48 -3.86 14.82
C ARG B 16 24.86 -3.37 14.47
N GLY B 17 25.38 -2.46 15.28
CA GLY B 17 26.72 -2.00 15.00
C GLY B 17 26.80 -1.15 13.76
N GLY B 18 25.79 -0.32 13.51
CA GLY B 18 25.80 0.54 12.37
C GLY B 18 25.67 -0.16 11.03
N ASP B 19 25.39 -1.46 11.02
CA ASP B 19 25.21 -2.17 9.77
C ASP B 19 24.06 -3.13 9.92
N ILE B 20 23.79 -3.86 8.85
CA ILE B 20 22.69 -4.80 8.80
C ILE B 20 23.28 -6.19 8.74
N PRO B 21 22.99 -7.05 9.68
CA PRO B 21 23.67 -8.34 9.76
C PRO B 21 23.23 -9.37 8.75
N TRP B 22 22.65 -8.96 7.64
CA TRP B 22 22.21 -9.91 6.62
C TRP B 22 22.27 -9.23 5.26
N ARG B 23 21.93 -9.97 4.22
CA ARG B 23 21.90 -9.34 2.91
C ARG B 23 20.87 -10.06 2.04
N LEU B 24 19.86 -9.31 1.58
CA LEU B 24 18.68 -9.88 0.93
C LEU B 24 18.34 -9.05 -0.29
N PRO B 25 18.86 -9.41 -1.48
CA PRO B 25 18.64 -8.54 -2.64
C PRO B 25 17.16 -8.39 -2.95
N GLU B 26 16.39 -9.43 -2.73
CA GLU B 26 14.95 -9.32 -2.89
C GLU B 26 14.38 -8.20 -2.03
N ASP B 27 14.92 -8.03 -0.83
CA ASP B 27 14.47 -6.91 0.01
C ASP B 27 14.83 -5.59 -0.64
N GLN B 28 16.02 -5.50 -1.22
CA GLN B 28 16.50 -4.23 -1.73
C GLN B 28 15.70 -3.77 -2.95
N ALA B 29 15.32 -4.68 -3.83
CA ALA B 29 14.47 -4.29 -4.95
C ALA B 29 13.08 -3.97 -4.49
N HIS B 30 12.64 -4.61 -3.43
CA HIS B 30 11.37 -4.29 -2.83
C HIS B 30 11.42 -2.96 -2.09
N PHE B 31 12.38 -2.78 -1.19
CA PHE B 31 12.53 -1.49 -0.52
C PHE B 31 12.61 -0.37 -1.54
N ARG B 32 13.35 -0.61 -2.61
CA ARG B 32 13.50 0.40 -3.65
C ARG B 32 12.19 0.69 -4.33
N GLU B 33 11.43 -0.37 -4.62
CA GLU B 33 10.21 -0.21 -5.39
C GLU B 33 9.17 0.56 -4.59
N ILE B 34 9.17 0.38 -3.27
CA ILE B 34 8.18 1.02 -2.40
C ILE B 34 8.48 2.49 -2.22
N THR B 35 9.74 2.82 -2.08
CA THR B 35 10.10 4.18 -1.78
C THR B 35 10.34 4.97 -3.03
N MET B 36 10.56 4.31 -4.15
CA MET B 36 11.03 5.06 -5.29
C MET B 36 10.13 6.25 -5.60
N GLY B 37 10.75 7.38 -5.89
CA GLY B 37 10.03 8.58 -6.20
C GLY B 37 9.64 9.44 -5.03
N HIS B 38 9.65 8.91 -3.81
CA HIS B 38 8.97 9.57 -2.70
C HIS B 38 9.94 10.23 -1.71
N THR B 39 9.39 10.95 -0.75
CA THR B 39 10.21 11.45 0.36
C THR B 39 10.60 10.27 1.23
N ILE B 40 11.89 10.07 1.42
CA ILE B 40 12.37 9.10 2.39
C ILE B 40 12.91 9.87 3.57
N VAL B 41 12.60 9.39 4.75
CA VAL B 41 13.08 9.98 5.98
C VAL B 41 13.93 8.95 6.70
N MET B 42 15.12 9.35 7.08
CA MET B 42 16.01 8.47 7.78
C MET B 42 16.66 9.20 8.94
N GLY B 43 17.03 8.43 9.95
CA GLY B 43 17.86 8.96 10.99
C GLY B 43 19.26 9.25 10.50
N ARG B 44 19.95 10.10 11.27
CA ARG B 44 21.29 10.51 10.90
C ARG B 44 22.27 9.34 10.95
N ARG B 45 22.05 8.37 11.81
CA ARG B 45 22.89 7.19 11.80
C ARG B 45 22.65 6.36 10.54
N THR B 46 21.37 6.14 10.20
CA THR B 46 21.03 5.50 8.92
C THR B 46 21.76 6.21 7.78
N TRP B 47 21.66 7.52 7.72
CA TRP B 47 22.29 8.29 6.64
C TRP B 47 23.80 8.05 6.57
N ASP B 48 24.46 7.98 7.73
CA ASP B 48 25.91 7.76 7.71
C ASP B 48 26.24 6.37 7.23
N SER B 49 25.42 5.39 7.59
CA SER B 49 25.76 4.02 7.29
C SER B 49 25.89 3.79 5.81
N LEU B 50 25.27 4.64 5.01
CA LEU B 50 25.34 4.48 3.57
C LEU B 50 26.72 4.91 3.12
N PRO B 51 27.45 4.08 2.42
CA PRO B 51 28.71 4.54 1.85
C PRO B 51 28.38 5.65 0.86
N ALA B 52 29.37 6.50 0.61
CA ALA B 52 29.17 7.60 -0.33
C ALA B 52 28.62 7.08 -1.65
N LYS B 53 29.15 5.95 -2.12
CA LYS B 53 28.74 5.33 -3.36
C LYS B 53 27.28 4.92 -3.38
N VAL B 54 26.54 5.08 -2.28
CA VAL B 54 25.09 4.90 -2.30
C VAL B 54 24.41 6.08 -1.59
N ARG B 55 25.07 7.22 -1.57
CA ARG B 55 24.43 8.39 -1.05
C ARG B 55 24.32 9.46 -2.12
N PRO B 56 23.15 10.09 -2.29
CA PRO B 56 21.90 9.71 -1.63
C PRO B 56 21.13 8.64 -2.41
N LEU B 57 20.01 8.24 -1.88
CA LEU B 57 19.23 7.22 -2.57
C LEU B 57 18.60 7.86 -3.80
N PRO B 58 18.79 7.31 -4.99
CA PRO B 58 18.44 8.06 -6.20
C PRO B 58 16.95 8.10 -6.50
N GLY B 59 16.49 9.25 -6.99
CA GLY B 59 15.10 9.29 -7.37
C GLY B 59 14.12 9.47 -6.23
N ARG B 60 14.58 9.93 -5.08
CA ARG B 60 13.74 10.12 -3.90
C ARG B 60 14.18 11.38 -3.17
N ARG B 61 13.27 12.02 -2.47
CA ARG B 61 13.62 13.18 -1.65
C ARG B 61 14.18 12.67 -0.35
N ASN B 62 15.51 12.61 -0.25
CA ASN B 62 16.16 12.19 0.97
C ASN B 62 15.95 13.25 2.02
N VAL B 63 15.36 12.88 3.14
CA VAL B 63 15.24 13.77 4.29
C VAL B 63 15.94 13.09 5.45
N VAL B 64 16.83 13.83 6.09
CA VAL B 64 17.59 13.29 7.21
C VAL B 64 17.12 13.98 8.46
N LEU B 65 16.65 13.20 9.43
CA LEU B 65 16.14 13.73 10.68
C LEU B 65 17.29 13.70 11.68
N SER B 66 17.87 14.87 11.96
CA SER B 66 19.17 14.96 12.62
C SER B 66 19.09 16.04 13.68
N ARG B 67 20.26 16.51 14.15
CA ARG B 67 20.23 17.50 15.23
C ARG B 67 21.27 18.62 15.19
N GLN B 68 22.21 18.68 14.24
CA GLN B 68 23.14 19.82 14.19
C GLN B 68 22.73 20.82 13.12
N ALA B 69 22.74 22.11 13.50
CA ALA B 69 22.49 23.16 12.52
C ALA B 69 23.53 23.14 11.42
N ASP B 70 24.77 22.91 11.77
CA ASP B 70 25.83 22.70 10.79
C ASP B 70 25.77 21.32 10.18
N PHE B 71 24.71 20.56 10.43
CA PHE B 71 24.61 19.26 9.79
C PHE B 71 23.96 19.42 8.43
N MET B 72 24.72 19.13 7.40
CA MET B 72 24.18 19.01 6.06
C MET B 72 24.41 17.59 5.56
N ALA B 73 23.38 17.07 4.89
CA ALA B 73 23.45 15.75 4.28
C ALA B 73 23.49 15.96 2.76
N SER B 74 24.66 15.70 2.16
CA SER B 74 24.83 15.87 0.71
C SER B 74 23.80 15.13 -0.13
N GLY B 75 22.81 15.84 -0.62
CA GLY B 75 21.72 15.23 -1.33
C GLY B 75 20.47 15.03 -0.51
N ALA B 76 20.36 15.67 0.64
CA ALA B 76 19.20 15.51 1.50
C ALA B 76 18.92 16.83 2.18
N GLU B 77 17.73 16.93 2.72
CA GLU B 77 17.34 18.02 3.58
C GLU B 77 17.58 17.55 5.00
N VAL B 78 17.97 18.48 5.86
CA VAL B 78 18.09 18.19 7.28
C VAL B 78 16.92 18.89 7.98
N VAL B 79 16.00 18.09 8.54
CA VAL B 79 14.84 18.65 9.22
C VAL B 79 14.99 18.31 10.69
N GLY B 80 14.27 19.05 11.52
CA GLY B 80 14.20 18.73 12.91
C GLY B 80 12.89 18.08 13.25
N SER B 81 11.80 18.71 12.88
CA SER B 81 10.54 18.03 13.06
C SER B 81 10.55 16.73 12.27
N LEU B 82 9.82 15.76 12.77
CA LEU B 82 9.43 14.72 11.85
C LEU B 82 8.47 15.26 10.81
N GLU B 83 7.59 16.16 11.22
CA GLU B 83 6.60 16.69 10.29
C GLU B 83 7.26 17.52 9.20
N GLU B 84 8.27 18.29 9.56
CA GLU B 84 9.06 18.93 8.53
C GLU B 84 9.63 17.92 7.57
N ALA B 85 9.69 16.65 7.97
CA ALA B 85 9.90 15.61 6.99
C ALA B 85 8.59 15.07 6.46
N LEU B 86 7.49 15.25 7.18
CA LEU B 86 6.20 14.73 6.76
C LEU B 86 5.50 15.65 5.80
N THR B 87 6.19 16.64 5.26
CA THR B 87 5.60 17.44 4.20
C THR B 87 4.99 16.55 3.13
N SER B 88 5.70 15.53 2.77
CA SER B 88 5.38 14.92 1.50
C SER B 88 4.10 14.11 1.55
N PRO B 89 3.42 13.99 0.40
CA PRO B 89 2.16 13.23 0.36
C PRO B 89 2.35 11.73 0.59
N GLU B 90 3.30 11.11 -0.07
CA GLU B 90 3.79 9.80 0.34
C GLU B 90 5.15 9.97 1.02
N THR B 91 5.24 9.60 2.30
CA THR B 91 6.47 9.73 3.08
C THR B 91 6.81 8.38 3.71
N TRP B 92 8.04 7.92 3.49
CA TRP B 92 8.51 6.64 4.03
C TRP B 92 9.66 6.84 5.00
N VAL B 93 9.42 6.51 6.27
CA VAL B 93 10.48 6.45 7.27
C VAL B 93 11.25 5.17 7.02
N ILE B 94 12.51 5.29 6.59
CA ILE B 94 13.29 4.14 6.19
C ILE B 94 14.24 3.69 7.26
N GLY B 95 14.21 4.34 8.42
CA GLY B 95 15.05 3.93 9.52
C GLY B 95 15.62 5.13 10.24
N GLY B 96 16.34 4.86 11.31
CA GLY B 96 16.44 3.51 11.82
C GLY B 96 15.60 3.36 13.06
N GLY B 97 16.16 2.61 14.02
CA GLY B 97 15.37 2.04 15.10
C GLY B 97 14.69 3.06 15.98
N GLN B 98 15.23 4.27 16.04
CA GLN B 98 14.69 5.40 16.80
C GLN B 98 13.72 6.24 16.00
N VAL B 99 14.14 6.61 14.78
CA VAL B 99 13.23 7.31 13.88
C VAL B 99 11.94 6.52 13.73
N TYR B 100 12.04 5.19 13.68
CA TYR B 100 10.83 4.39 13.59
C TYR B 100 9.86 4.76 14.70
N ALA B 101 10.21 4.47 15.94
CA ALA B 101 9.25 4.67 17.02
C ALA B 101 8.80 6.13 17.15
N LEU B 102 9.60 7.05 16.64
CA LEU B 102 9.18 8.45 16.57
C LEU B 102 7.96 8.62 15.68
N ALA B 103 7.99 8.01 14.51
CA ALA B 103 7.02 8.26 13.47
C ALA B 103 5.76 7.45 13.63
N LEU B 104 5.87 6.24 14.17
CA LEU B 104 4.72 5.36 14.28
C LEU B 104 3.45 6.05 14.67
N PRO B 105 3.44 7.06 15.54
CA PRO B 105 2.19 7.75 15.78
C PRO B 105 1.63 8.41 14.55
N TYR B 106 2.44 8.67 13.51
CA TYR B 106 1.88 9.41 12.39
C TYR B 106 1.81 8.49 11.21
N ALA B 107 2.01 7.21 11.48
CA ALA B 107 2.03 6.21 10.47
C ALA B 107 0.61 5.78 10.16
N THR B 108 0.32 5.66 8.87
CA THR B 108 -0.83 4.89 8.45
C THR B 108 -0.46 3.54 7.87
N ARG B 109 0.79 3.35 7.45
CA ARG B 109 1.25 2.09 6.87
C ARG B 109 2.60 1.70 7.44
N CYS B 110 2.69 0.45 7.87
CA CYS B 110 3.97 -0.16 8.16
C CYS B 110 4.16 -1.27 7.16
N GLU B 111 5.37 -1.38 6.62
CA GLU B 111 5.66 -2.34 5.57
C GLU B 111 6.96 -3.04 5.94
N VAL B 112 6.89 -4.36 6.16
CA VAL B 112 7.90 -5.08 6.91
C VAL B 112 8.41 -6.26 6.11
N THR B 113 9.72 -6.39 5.99
CA THR B 113 10.37 -7.63 5.60
C THR B 113 10.87 -8.35 6.84
N GLU B 114 10.54 -9.62 6.95
CA GLU B 114 10.97 -10.47 8.04
C GLU B 114 11.90 -11.53 7.48
N VAL B 115 13.15 -11.48 7.87
CA VAL B 115 14.13 -12.49 7.49
C VAL B 115 14.12 -13.62 8.49
N ASP B 116 14.18 -14.84 8.00
CA ASP B 116 14.02 -15.99 8.90
C ASP B 116 15.40 -16.36 9.43
N ILE B 117 15.77 -15.73 10.54
CA ILE B 117 17.17 -15.66 10.96
C ILE B 117 17.28 -15.90 12.45
N GLY B 118 18.34 -16.62 12.85
CA GLY B 118 18.55 -16.98 14.24
C GLY B 118 19.35 -15.92 14.98
N LEU B 119 18.73 -14.76 15.13
CA LEU B 119 19.46 -13.58 15.53
C LEU B 119 18.97 -13.17 16.91
N PRO B 120 19.77 -13.33 17.96
CA PRO B 120 19.33 -12.91 19.29
C PRO B 120 19.22 -11.39 19.39
N ARG B 121 18.29 -10.95 20.20
CA ARG B 121 18.24 -9.55 20.60
C ARG B 121 19.34 -9.34 21.62
N GLU B 122 20.47 -8.83 21.17
CA GLU B 122 21.61 -8.51 22.00
C GLU B 122 21.62 -7.01 22.26
N ALA B 123 22.00 -6.63 23.46
CA ALA B 123 22.11 -5.23 23.79
C ALA B 123 22.88 -4.52 22.69
N GLY B 124 22.44 -3.31 22.36
CA GLY B 124 23.05 -2.61 21.25
C GLY B 124 22.52 -2.95 19.87
N ASP B 125 21.43 -3.71 19.78
CA ASP B 125 20.76 -3.94 18.51
C ASP B 125 19.78 -2.79 18.27
N ALA B 126 19.47 -2.53 17.00
CA ALA B 126 18.34 -1.66 16.66
C ALA B 126 17.14 -2.56 16.45
N LEU B 127 15.98 -2.17 16.95
CA LEU B 127 14.80 -3.01 16.83
C LEU B 127 13.64 -2.27 16.13
N ALA B 128 12.67 -3.04 15.72
CA ALA B 128 11.44 -2.51 15.13
C ALA B 128 10.43 -2.17 16.21
N PRO B 129 9.70 -1.07 16.07
CA PRO B 129 8.68 -0.72 17.07
C PRO B 129 7.60 -1.77 17.15
N VAL B 130 6.76 -1.61 18.15
CA VAL B 130 5.70 -2.56 18.45
C VAL B 130 4.42 -1.99 17.83
N LEU B 131 3.70 -2.81 17.07
CA LEU B 131 2.52 -2.31 16.34
C LEU B 131 1.28 -2.52 17.20
N ASP B 132 0.70 -1.43 17.71
CA ASP B 132 -0.39 -1.52 18.68
C ASP B 132 -1.64 -2.14 18.03
N GLU B 133 -2.75 -2.11 18.76
CA GLU B 133 -3.96 -2.76 18.26
C GLU B 133 -4.60 -1.99 17.11
N THR B 134 -4.30 -0.71 16.97
CA THR B 134 -4.77 0.00 15.78
C THR B 134 -4.31 -0.69 14.51
N TRP B 135 -3.17 -1.36 14.56
CA TRP B 135 -2.61 -1.96 13.37
C TRP B 135 -3.39 -3.21 13.00
N ARG B 136 -3.65 -3.37 11.71
CA ARG B 136 -4.25 -4.58 11.17
C ARG B 136 -3.51 -4.90 9.88
N GLY B 137 -3.38 -6.19 9.57
CA GLY B 137 -2.57 -6.62 8.45
C GLY B 137 -2.56 -8.13 8.30
N GLU B 138 -1.82 -8.62 7.30
CA GLU B 138 -1.71 -10.06 7.04
C GLU B 138 -0.27 -10.53 7.02
N THR B 139 -0.05 -11.68 7.65
CA THR B 139 1.20 -12.40 7.65
C THR B 139 1.45 -13.02 6.28
N GLY B 140 2.58 -12.69 5.67
CA GLY B 140 2.88 -13.19 4.35
C GLY B 140 3.18 -14.66 4.35
N GLU B 141 3.39 -15.19 3.15
CA GLU B 141 3.75 -16.58 3.00
C GLU B 141 5.25 -16.69 2.77
N TRP B 142 5.85 -17.70 3.37
CA TRP B 142 7.30 -17.74 3.47
C TRP B 142 7.91 -18.01 2.12
N ARG B 143 8.50 -16.99 1.53
CA ARG B 143 9.21 -17.19 0.28
C ARG B 143 10.71 -17.21 0.48
N PHE B 144 11.38 -17.63 -0.60
CA PHE B 144 12.70 -18.24 -0.64
C PHE B 144 13.70 -17.39 -1.43
N SER B 145 14.72 -16.87 -0.75
CA SER B 145 15.54 -15.83 -1.37
C SER B 145 16.73 -16.43 -2.11
N ARG B 146 17.18 -15.74 -3.17
CA ARG B 146 18.38 -16.26 -3.84
C ARG B 146 19.60 -16.12 -2.98
N SER B 147 19.49 -15.38 -1.89
CA SER B 147 20.40 -15.55 -0.76
C SER B 147 20.28 -16.95 -0.18
N GLY B 148 19.15 -17.62 -0.40
CA GLY B 148 18.89 -18.92 0.20
C GLY B 148 17.99 -18.87 1.41
N LEU B 149 17.35 -17.74 1.69
CA LEU B 149 16.65 -17.55 2.96
C LEU B 149 15.16 -17.40 2.76
N ARG B 150 14.41 -17.94 3.71
CA ARG B 150 12.99 -17.72 3.76
C ARG B 150 12.73 -16.33 4.30
N TYR B 151 11.89 -15.58 3.59
CA TYR B 151 11.46 -14.30 4.09
C TYR B 151 9.99 -14.19 3.75
N ARG B 152 9.34 -13.25 4.41
CA ARG B 152 7.95 -12.93 4.14
C ARG B 152 7.73 -11.47 4.50
N LEU B 153 6.82 -10.85 3.80
CA LEU B 153 6.50 -9.44 3.98
C LEU B 153 5.29 -9.28 4.89
N TYR B 154 5.23 -8.13 5.55
CA TYR B 154 4.07 -7.76 6.35
C TYR B 154 3.64 -6.38 5.91
N SER B 155 2.34 -6.22 5.72
CA SER B 155 1.72 -4.92 5.51
C SER B 155 0.77 -4.68 6.66
N TYR B 156 0.94 -3.57 7.38
CA TYR B 156 0.06 -3.22 8.49
C TYR B 156 -0.62 -1.89 8.21
N HIS B 157 -1.91 -1.83 8.53
CA HIS B 157 -2.69 -0.64 8.22
C HIS B 157 -3.50 -0.26 9.43
N ARG B 158 -3.61 1.05 9.63
CA ARG B 158 -4.44 1.63 10.66
C ARG B 158 -4.93 2.96 10.11
N SER B 159 -6.20 3.27 10.33
CA SER B 159 -6.69 4.58 9.98
C SER B 159 -7.76 5.03 10.97
#